data_2G3V
#
_entry.id   2G3V
#
_cell.length_a   124.360
_cell.length_b   124.360
_cell.length_c   55.860
_cell.angle_alpha   90.00
_cell.angle_beta   90.00
_cell.angle_gamma   90.00
#
_symmetry.space_group_name_H-M   'P 43'
#
loop_
_entity.id
_entity.type
_entity.pdbx_description
1 polymer 'CAG pathogenicity island protein 13'
2 polymer (UNK)(UNK)(UNK)(UNK)(UNK)(MSE)(UNK)
3 water water
#
loop_
_entity_poly.entity_id
_entity_poly.type
_entity_poly.pdbx_seq_one_letter_code
_entity_poly.pdbx_strand_id
1 'polypeptide(L)'
;MMGNN(MSE)RKLFS(MSE)IANSKDKKEKLIESLQENELLNTDEKKKIIDQIKT(MSE)HDFFKQ(MSE)HTNKGALDK
VLRNY(MSE)KDYRAVIKSIGVDKFKKVYRLLESET(MSE)ELLHAIAENPNFLFSKFDRSILGIFLPFFSKPI(MSE)F
K(MSE)SIRE(MSE)DSQIELYGTKLPLLKLFV(MSE)TDEE(MSE)NFYANLKTIEQYNDYVRDLL(MSE)KFDLEKY
(MSE)EEKGVQNALEHHHHHH
;
A,B,C,D
2 'polypeptide(L)' (UNK)(UNK)(UNK)(UNK)(UNK)(MSE)(UNK) E,F,G,H
#
# COMPACT_ATOMS: atom_id res chain seq x y z
N LYS A 22 -5.97 21.41 -27.35
CA LYS A 22 -5.38 21.42 -28.71
C LYS A 22 -6.43 21.10 -29.76
N LEU A 23 -7.23 20.08 -29.47
CA LEU A 23 -8.26 19.61 -30.39
C LEU A 23 -9.61 20.27 -30.25
N ILE A 24 -9.60 21.57 -30.52
CA ILE A 24 -10.80 22.36 -30.46
C ILE A 24 -11.34 22.34 -31.88
N GLU A 25 -10.59 21.69 -32.77
CA GLU A 25 -11.03 21.55 -34.15
C GLU A 25 -12.24 20.64 -34.05
N SER A 26 -12.02 19.46 -33.45
CA SER A 26 -13.09 18.48 -33.26
C SER A 26 -14.17 19.16 -32.44
N LEU A 27 -13.73 20.04 -31.55
CA LEU A 27 -14.62 20.78 -30.68
C LEU A 27 -15.09 22.07 -31.33
N GLN A 28 -15.47 21.98 -32.60
CA GLN A 28 -15.93 23.16 -33.34
C GLN A 28 -16.88 22.76 -34.49
N GLU A 29 -16.94 21.47 -34.79
CA GLU A 29 -17.82 20.99 -35.86
C GLU A 29 -18.42 19.62 -35.55
N ASN A 30 -18.25 19.15 -34.31
CA ASN A 30 -18.81 17.86 -33.98
C ASN A 30 -20.31 17.98 -33.80
N GLU A 31 -20.99 16.90 -34.15
CA GLU A 31 -22.44 16.82 -34.06
C GLU A 31 -22.74 15.72 -33.06
N LEU A 32 -24.02 15.32 -33.01
CA LEU A 32 -24.46 14.26 -32.13
C LEU A 32 -24.11 12.95 -32.79
N LEU A 33 -24.01 11.88 -32.02
CA LEU A 33 -23.72 10.57 -32.58
C LEU A 33 -25.05 9.85 -32.81
N ASN A 34 -25.30 9.44 -34.05
CA ASN A 34 -26.54 8.72 -34.34
C ASN A 34 -26.37 7.29 -33.84
N THR A 35 -27.49 6.63 -33.55
CA THR A 35 -27.53 5.27 -33.03
C THR A 35 -26.43 4.35 -33.54
N ASP A 36 -26.28 4.27 -34.86
CA ASP A 36 -25.27 3.39 -35.47
C ASP A 36 -23.84 3.80 -35.27
N GLU A 37 -23.57 5.10 -35.32
CA GLU A 37 -22.21 5.60 -35.12
C GLU A 37 -21.79 5.33 -33.67
N LYS A 38 -22.76 5.36 -32.76
CA LYS A 38 -22.50 5.09 -31.36
C LYS A 38 -22.04 3.63 -31.19
N LYS A 39 -22.86 2.70 -31.70
CA LYS A 39 -22.58 1.27 -31.63
C LYS A 39 -21.23 0.99 -32.29
N LYS A 40 -20.95 1.72 -33.36
CA LYS A 40 -19.69 1.57 -34.06
C LYS A 40 -18.56 1.75 -33.05
N ILE A 41 -18.69 2.78 -32.21
CA ILE A 41 -17.70 3.07 -31.18
C ILE A 41 -17.62 1.93 -30.16
N ILE A 42 -18.78 1.52 -29.64
CA ILE A 42 -18.87 0.44 -28.64
C ILE A 42 -18.27 -0.89 -29.09
N ASP A 43 -18.55 -1.31 -30.31
CA ASP A 43 -18.00 -2.57 -30.81
C ASP A 43 -16.49 -2.46 -30.91
N GLN A 44 -16.00 -1.27 -31.25
CA GLN A 44 -14.56 -1.05 -31.36
C GLN A 44 -13.87 -1.17 -30.01
N ILE A 45 -14.53 -0.68 -28.97
CA ILE A 45 -13.97 -0.75 -27.63
C ILE A 45 -13.95 -2.22 -27.19
N LYS A 46 -15.01 -2.95 -27.56
CA LYS A 46 -15.15 -4.37 -27.21
C LYS A 46 -14.11 -5.23 -27.94
N THR A 47 -13.90 -4.94 -29.21
CA THR A 47 -12.92 -5.69 -30.00
C THR A 47 -11.52 -5.51 -29.39
N HIS A 49 -10.82 -4.58 -26.22
CA HIS A 49 -10.86 -5.18 -24.90
C HIS A 49 -10.58 -6.69 -24.94
N ASP A 50 -11.11 -7.36 -25.95
CA ASP A 50 -10.88 -8.80 -26.07
C ASP A 50 -9.45 -9.06 -26.53
N PHE A 51 -8.96 -8.18 -27.40
CA PHE A 51 -7.61 -8.29 -27.95
C PHE A 51 -6.63 -8.17 -26.79
N PHE A 52 -6.82 -7.13 -26.00
CA PHE A 52 -5.96 -6.90 -24.85
C PHE A 52 -5.96 -8.14 -23.92
N LYS A 53 -7.15 -8.62 -23.56
CA LYS A 53 -7.24 -9.80 -22.72
C LYS A 53 -6.46 -10.97 -23.33
N GLN A 54 -6.60 -11.14 -24.64
CA GLN A 54 -5.91 -12.22 -25.36
C GLN A 54 -4.39 -12.10 -25.33
N HIS A 56 -2.29 -10.93 -22.69
CA HIS A 56 -1.77 -11.42 -21.43
C HIS A 56 -2.31 -12.82 -21.05
N THR A 57 -3.41 -13.22 -21.65
CA THR A 57 -3.98 -14.54 -21.33
C THR A 57 -3.44 -15.61 -22.28
N ASN A 58 -3.04 -15.19 -23.46
CA ASN A 58 -2.52 -16.09 -24.49
C ASN A 58 -1.05 -15.76 -24.69
N LYS A 59 -0.18 -16.75 -24.60
CA LYS A 59 1.25 -16.48 -24.80
C LYS A 59 1.53 -16.56 -26.29
N GLY A 60 0.91 -17.54 -26.94
CA GLY A 60 1.10 -17.66 -28.37
C GLY A 60 0.58 -16.40 -29.00
N ALA A 61 -0.55 -15.92 -28.50
CA ALA A 61 -1.17 -14.71 -29.05
C ALA A 61 -0.28 -13.49 -28.99
N LEU A 62 0.35 -13.26 -27.85
CA LEU A 62 1.23 -12.10 -27.69
C LEU A 62 2.47 -12.14 -28.57
N ASP A 63 3.09 -13.32 -28.68
CA ASP A 63 4.29 -13.41 -29.49
C ASP A 63 3.93 -13.28 -30.97
N LYS A 64 2.76 -13.82 -31.30
CA LYS A 64 2.27 -13.80 -32.66
C LYS A 64 1.93 -12.40 -33.13
N VAL A 65 1.47 -11.57 -32.20
CA VAL A 65 1.13 -10.18 -32.54
C VAL A 65 2.41 -9.33 -32.69
N LEU A 66 3.39 -9.60 -31.85
CA LEU A 66 4.65 -8.87 -31.89
C LEU A 66 5.46 -9.10 -33.19
N ARG A 67 5.34 -10.30 -33.75
CA ARG A 67 6.03 -10.66 -34.98
C ARG A 67 5.40 -10.01 -36.21
N ASN A 68 4.10 -9.77 -36.14
CA ASN A 68 3.39 -9.18 -37.26
C ASN A 68 3.15 -7.69 -37.18
N TYR A 69 3.31 -7.11 -35.99
CA TYR A 69 3.09 -5.67 -35.83
C TYR A 69 4.37 -4.86 -35.74
N LYS A 71 8.07 -3.48 -36.30
CA LYS A 71 8.85 -3.36 -37.52
C LYS A 71 10.00 -4.35 -37.39
N ASP A 72 10.52 -4.44 -36.17
CA ASP A 72 11.61 -5.33 -35.83
C ASP A 72 11.24 -6.15 -34.60
N TYR A 73 10.72 -7.35 -34.83
CA TYR A 73 10.34 -8.23 -33.72
C TYR A 73 11.64 -8.57 -32.99
N ARG A 74 12.66 -8.92 -33.76
CA ARG A 74 13.98 -9.26 -33.24
C ARG A 74 14.34 -8.50 -31.95
N ALA A 75 14.61 -7.21 -32.13
CA ALA A 75 15.05 -6.27 -31.09
C ALA A 75 14.07 -6.02 -29.96
N VAL A 76 12.79 -6.12 -30.27
CA VAL A 76 11.77 -5.88 -29.26
C VAL A 76 11.83 -6.91 -28.14
N ILE A 77 12.01 -8.18 -28.48
CA ILE A 77 12.08 -9.21 -27.44
C ILE A 77 13.32 -9.08 -26.58
N LYS A 78 14.37 -8.48 -27.12
CA LYS A 78 15.62 -8.28 -26.38
C LYS A 78 15.56 -6.97 -25.59
N SER A 79 15.21 -5.89 -26.27
CA SER A 79 15.13 -4.60 -25.62
C SER A 79 13.97 -4.46 -24.64
N ILE A 80 12.79 -4.94 -25.03
CA ILE A 80 11.62 -4.81 -24.16
C ILE A 80 11.14 -6.12 -23.54
N GLY A 81 10.92 -7.15 -24.35
CA GLY A 81 10.46 -8.42 -23.81
C GLY A 81 8.95 -8.52 -23.64
N VAL A 82 8.43 -9.74 -23.81
CA VAL A 82 7.01 -9.99 -23.69
C VAL A 82 6.47 -9.69 -22.30
N ASP A 83 7.34 -9.76 -21.31
CA ASP A 83 6.95 -9.51 -19.93
C ASP A 83 6.42 -8.11 -19.67
N LYS A 84 6.98 -7.12 -20.36
CA LYS A 84 6.55 -5.74 -20.18
C LYS A 84 5.29 -5.46 -21.00
N PHE A 85 5.19 -6.12 -22.15
CA PHE A 85 4.02 -5.94 -23.01
C PHE A 85 2.81 -6.50 -22.32
N LYS A 86 2.96 -7.68 -21.74
CA LYS A 86 1.87 -8.34 -21.05
C LYS A 86 1.32 -7.45 -19.94
N LYS A 87 2.21 -6.68 -19.32
CA LYS A 87 1.84 -5.78 -18.24
C LYS A 87 0.83 -4.72 -18.65
N VAL A 88 1.17 -3.92 -19.66
CA VAL A 88 0.28 -2.87 -20.12
C VAL A 88 -1.06 -3.44 -20.55
N TYR A 89 -1.02 -4.59 -21.21
CA TYR A 89 -2.24 -5.19 -21.70
C TYR A 89 -3.18 -5.64 -20.58
N ARG A 90 -2.61 -5.95 -19.42
CA ARG A 90 -3.43 -6.35 -18.29
C ARG A 90 -4.17 -5.10 -17.86
N LEU A 91 -3.44 -3.99 -17.86
CA LEU A 91 -3.94 -2.69 -17.46
C LEU A 91 -4.84 -2.07 -18.55
N LEU A 92 -4.61 -2.45 -19.80
CA LEU A 92 -5.41 -1.97 -20.92
C LEU A 92 -6.75 -2.67 -20.92
N GLU A 93 -6.76 -3.97 -20.60
CA GLU A 93 -7.99 -4.75 -20.55
C GLU A 93 -8.87 -4.18 -19.44
N SER A 94 -8.23 -3.84 -18.33
CA SER A 94 -8.93 -3.27 -17.18
C SER A 94 -9.60 -1.95 -17.56
N GLU A 95 -8.85 -1.05 -18.15
CA GLU A 95 -9.39 0.25 -18.53
C GLU A 95 -10.50 0.11 -19.58
N THR A 96 -10.34 -0.79 -20.54
CA THR A 96 -11.39 -0.94 -21.54
C THR A 96 -12.68 -1.43 -20.86
N GLU A 98 -13.62 -0.71 -17.60
CA GLU A 98 -14.21 0.40 -16.85
C GLU A 98 -14.98 1.33 -17.79
N LEU A 99 -14.39 1.66 -18.94
CA LEU A 99 -15.03 2.53 -19.93
C LEU A 99 -16.34 1.87 -20.41
N LEU A 100 -16.27 0.59 -20.69
CA LEU A 100 -17.43 -0.16 -21.15
C LEU A 100 -18.56 -0.05 -20.12
N HIS A 101 -18.23 -0.18 -18.84
CA HIS A 101 -19.26 -0.06 -17.79
C HIS A 101 -19.77 1.36 -17.70
N ALA A 102 -18.85 2.32 -17.83
CA ALA A 102 -19.22 3.74 -17.79
C ALA A 102 -20.30 3.93 -18.86
N ILE A 103 -20.02 3.42 -20.06
CA ILE A 103 -20.94 3.48 -21.19
C ILE A 103 -22.30 2.87 -20.85
N ALA A 104 -22.29 1.69 -20.23
CA ALA A 104 -23.54 1.02 -19.85
C ALA A 104 -24.36 1.84 -18.83
N GLU A 105 -23.73 2.18 -17.72
CA GLU A 105 -24.34 2.93 -16.61
C GLU A 105 -24.71 4.40 -16.88
N ASN A 106 -24.28 4.95 -18.02
CA ASN A 106 -24.61 6.34 -18.38
C ASN A 106 -24.78 6.48 -19.91
N PRO A 107 -25.99 6.18 -20.44
CA PRO A 107 -26.31 6.26 -21.87
C PRO A 107 -25.65 7.37 -22.67
N ASN A 108 -25.75 8.61 -22.19
CA ASN A 108 -25.20 9.77 -22.88
C ASN A 108 -23.69 9.95 -22.85
N PHE A 109 -22.97 9.03 -22.23
CA PHE A 109 -21.52 9.11 -22.22
C PHE A 109 -21.24 8.59 -23.62
N LEU A 110 -20.52 9.38 -24.43
CA LEU A 110 -20.27 9.02 -25.83
C LEU A 110 -21.47 9.64 -26.56
N PHE A 111 -21.66 10.93 -26.31
CA PHE A 111 -22.74 11.75 -26.82
C PHE A 111 -22.52 12.21 -28.27
N SER A 112 -21.32 12.73 -28.53
CA SER A 112 -21.02 13.24 -29.85
C SER A 112 -19.83 12.54 -30.48
N LYS A 113 -19.41 13.06 -31.63
CA LYS A 113 -18.27 12.49 -32.33
C LYS A 113 -16.95 12.85 -31.65
N PHE A 114 -16.95 13.90 -30.82
CA PHE A 114 -15.75 14.32 -30.11
C PHE A 114 -15.28 13.25 -29.16
N ASP A 115 -16.23 12.48 -28.67
CA ASP A 115 -15.90 11.45 -27.70
C ASP A 115 -15.08 10.33 -28.30
N ARG A 116 -15.03 10.29 -29.63
CA ARG A 116 -14.26 9.27 -30.32
C ARG A 116 -12.80 9.43 -29.91
N SER A 117 -12.51 10.50 -29.19
CA SER A 117 -11.14 10.77 -28.75
C SER A 117 -10.75 9.90 -27.56
N ILE A 118 -11.72 9.20 -26.99
CA ILE A 118 -11.44 8.31 -25.86
C ILE A 118 -10.66 7.12 -26.41
N LEU A 119 -10.91 6.80 -27.66
CA LEU A 119 -10.29 5.68 -28.37
C LEU A 119 -8.78 5.88 -28.48
N GLY A 120 -8.33 7.13 -28.58
CA GLY A 120 -6.91 7.42 -28.69
C GLY A 120 -6.04 6.88 -27.56
N ILE A 121 -6.66 6.47 -26.47
CA ILE A 121 -5.90 5.92 -25.37
C ILE A 121 -5.46 4.49 -25.67
N PHE A 122 -6.28 3.78 -26.43
CA PHE A 122 -6.00 2.38 -26.72
C PHE A 122 -5.37 2.06 -28.06
N LEU A 123 -5.58 2.92 -29.05
CA LEU A 123 -5.03 2.70 -30.41
C LEU A 123 -3.53 2.39 -30.54
N PRO A 124 -2.67 3.07 -29.78
CA PRO A 124 -1.20 2.85 -29.83
C PRO A 124 -0.75 1.42 -29.50
N PHE A 125 -1.63 0.66 -28.86
CA PHE A 125 -1.33 -0.71 -28.50
C PHE A 125 -2.25 -1.68 -29.23
N PHE A 126 -3.05 -1.19 -30.16
CA PHE A 126 -3.96 -2.06 -30.88
C PHE A 126 -3.81 -2.02 -32.40
N SER A 127 -3.63 -0.81 -32.93
CA SER A 127 -3.47 -0.62 -34.36
C SER A 127 -2.11 -1.08 -34.88
N LYS A 128 -2.16 -1.91 -35.93
CA LYS A 128 -0.94 -2.43 -36.56
C LYS A 128 -0.11 -1.31 -37.18
N PRO A 129 -0.75 -0.36 -37.87
CA PRO A 129 0.03 0.72 -38.48
C PRO A 129 0.77 1.56 -37.43
N ILE A 130 0.08 1.92 -36.35
CA ILE A 130 0.67 2.73 -35.27
C ILE A 130 1.92 2.07 -34.65
N PHE A 132 3.69 -0.47 -35.89
CA PHE A 132 4.72 -0.79 -36.88
C PHE A 132 5.61 0.44 -37.10
N LYS A 133 4.97 1.61 -37.17
CA LYS A 133 5.74 2.82 -37.36
C LYS A 133 6.58 3.19 -36.16
N SER A 135 9.07 3.05 -32.85
CA SER A 135 10.42 2.54 -32.72
C SER A 135 10.48 1.80 -31.38
N ILE A 136 11.62 1.19 -31.10
CA ILE A 136 11.80 0.46 -29.84
C ILE A 136 11.67 1.41 -28.66
N ARG A 137 12.51 2.43 -28.65
CA ARG A 137 12.52 3.42 -27.57
C ARG A 137 11.14 4.00 -27.34
N GLU A 138 10.50 4.42 -28.43
CA GLU A 138 9.15 4.98 -28.34
C GLU A 138 8.25 4.03 -27.58
N ASP A 140 9.02 1.54 -25.56
CA ASP A 140 9.45 1.34 -24.18
C ASP A 140 8.95 2.42 -23.26
N SER A 141 9.11 3.68 -23.64
CA SER A 141 8.66 4.76 -22.76
C SER A 141 7.15 4.89 -22.74
N GLN A 142 6.50 4.55 -23.86
CA GLN A 142 5.06 4.62 -23.92
C GLN A 142 4.52 3.62 -22.92
N ILE A 143 5.13 2.44 -22.90
CA ILE A 143 4.71 1.37 -21.99
C ILE A 143 4.95 1.82 -20.53
N GLU A 144 6.10 2.42 -20.30
CA GLU A 144 6.44 2.91 -18.96
C GLU A 144 5.44 3.97 -18.52
N LEU A 145 5.21 4.95 -19.39
CA LEU A 145 4.28 6.04 -19.12
C LEU A 145 2.89 5.49 -18.76
N TYR A 146 2.36 4.63 -19.63
CA TYR A 146 1.04 4.06 -19.39
C TYR A 146 1.00 3.35 -18.05
N GLY A 147 2.03 2.56 -17.79
CA GLY A 147 2.09 1.82 -16.54
C GLY A 147 2.05 2.72 -15.32
N THR A 148 2.53 3.95 -15.45
CA THR A 148 2.55 4.86 -14.31
C THR A 148 1.32 5.75 -14.16
N LYS A 149 0.79 6.25 -15.26
CA LYS A 149 -0.38 7.11 -15.20
C LYS A 149 -1.71 6.36 -14.96
N LEU A 150 -2.02 5.41 -15.83
CA LEU A 150 -3.25 4.66 -15.74
C LEU A 150 -3.61 4.07 -14.37
N PRO A 151 -2.66 3.39 -13.71
CA PRO A 151 -2.95 2.82 -12.39
C PRO A 151 -3.50 3.87 -11.45
N LEU A 152 -2.80 5.00 -11.38
CA LEU A 152 -3.20 6.10 -10.54
C LEU A 152 -3.76 7.19 -11.41
N LEU A 153 -4.90 6.92 -12.04
CA LEU A 153 -5.55 7.90 -12.91
C LEU A 153 -7.06 7.65 -12.93
N LYS A 154 -7.46 6.50 -12.41
CA LYS A 154 -8.88 6.11 -12.34
C LYS A 154 -9.68 6.80 -13.42
N LEU A 155 -9.44 6.44 -14.68
CA LEU A 155 -10.20 7.04 -15.78
C LEU A 155 -11.54 6.29 -15.91
N PHE A 156 -12.57 6.98 -16.40
CA PHE A 156 -13.88 6.36 -16.61
C PHE A 156 -14.71 5.98 -15.39
N VAL A 157 -14.21 6.29 -14.21
CA VAL A 157 -14.91 5.99 -12.97
C VAL A 157 -15.78 7.21 -12.67
N THR A 159 -18.77 9.76 -11.11
CA THR A 159 -19.28 10.15 -9.80
C THR A 159 -20.74 10.49 -10.01
N ASP A 160 -21.52 10.58 -8.94
CA ASP A 160 -22.93 10.92 -9.10
C ASP A 160 -23.05 12.25 -9.83
N GLU A 161 -22.20 13.19 -9.47
CA GLU A 161 -22.19 14.51 -10.09
C GLU A 161 -22.03 14.36 -11.60
N GLU A 162 -21.07 13.54 -12.00
CA GLU A 162 -20.82 13.31 -13.42
C GLU A 162 -22.00 12.61 -14.06
N ASN A 164 -25.17 12.46 -13.01
CA ASN A 164 -26.27 13.40 -13.07
C ASN A 164 -26.14 14.26 -14.32
N PHE A 165 -24.97 14.88 -14.49
CA PHE A 165 -24.70 15.74 -15.63
C PHE A 165 -25.10 15.07 -16.95
N TYR A 166 -24.47 13.95 -17.24
CA TYR A 166 -24.77 13.22 -18.45
C TYR A 166 -26.25 12.87 -18.54
N ALA A 167 -26.86 12.60 -17.38
CA ALA A 167 -28.27 12.26 -17.36
C ALA A 167 -29.09 13.41 -17.91
N ASN A 168 -28.65 14.63 -17.61
CA ASN A 168 -29.37 15.83 -18.05
C ASN A 168 -29.03 16.34 -19.45
N LEU A 169 -27.87 15.97 -19.98
CA LEU A 169 -27.48 16.44 -21.30
C LEU A 169 -28.67 16.46 -22.24
N LYS A 170 -28.81 17.55 -22.99
CA LYS A 170 -29.91 17.67 -23.92
C LYS A 170 -29.47 18.04 -25.33
N THR A 171 -28.49 18.93 -25.44
CA THR A 171 -28.02 19.36 -26.76
C THR A 171 -26.51 19.40 -26.89
N ILE A 172 -26.04 19.36 -28.13
CA ILE A 172 -24.61 19.44 -28.41
C ILE A 172 -24.09 20.82 -28.02
N GLU A 173 -24.99 21.77 -27.89
CA GLU A 173 -24.62 23.11 -27.53
C GLU A 173 -24.05 23.09 -26.11
N GLN A 174 -24.83 22.61 -25.15
CA GLN A 174 -24.36 22.54 -23.77
C GLN A 174 -23.06 21.74 -23.71
N TYR A 175 -23.09 20.54 -24.28
CA TYR A 175 -21.91 19.69 -24.25
C TYR A 175 -20.68 20.42 -24.77
N ASN A 176 -20.80 21.02 -25.95
CA ASN A 176 -19.67 21.72 -26.54
C ASN A 176 -19.08 22.82 -25.66
N ASP A 177 -19.91 23.46 -24.85
CA ASP A 177 -19.40 24.50 -23.97
C ASP A 177 -18.84 23.83 -22.73
N TYR A 178 -19.50 22.74 -22.32
CA TYR A 178 -19.09 21.99 -21.15
C TYR A 178 -17.67 21.51 -21.34
N VAL A 179 -17.34 21.10 -22.57
CA VAL A 179 -16.01 20.62 -22.89
C VAL A 179 -15.12 21.77 -23.32
N ARG A 180 -15.71 22.76 -23.99
CA ARG A 180 -14.97 23.92 -24.46
C ARG A 180 -14.36 24.54 -23.19
N ASP A 181 -15.10 24.43 -22.09
CA ASP A 181 -14.68 24.94 -20.80
C ASP A 181 -13.54 24.05 -20.28
N LEU A 182 -13.25 22.99 -21.02
CA LEU A 182 -12.20 22.05 -20.66
C LEU A 182 -12.27 21.74 -19.18
N LYS B 22 -14.96 3.40 32.52
CA LYS B 22 -15.10 2.51 33.70
C LYS B 22 -14.62 3.27 34.92
N LEU B 23 -13.41 3.82 34.80
CA LEU B 23 -12.75 4.57 35.88
C LEU B 23 -13.25 5.99 36.14
N ILE B 24 -14.51 6.09 36.56
CA ILE B 24 -15.10 7.37 36.90
C ILE B 24 -14.33 7.81 38.15
N GLU B 25 -13.84 6.82 38.90
CA GLU B 25 -13.09 6.99 40.14
C GLU B 25 -12.11 8.16 40.20
N SER B 26 -11.21 8.19 39.22
CA SER B 26 -10.18 9.22 39.13
C SER B 26 -10.71 10.62 38.90
N LEU B 27 -11.73 10.74 38.06
CA LEU B 27 -12.31 12.04 37.76
C LEU B 27 -12.90 12.70 39.00
N GLN B 28 -13.29 11.88 39.97
CA GLN B 28 -13.86 12.38 41.21
C GLN B 28 -12.82 13.02 42.13
N GLU B 29 -11.59 12.49 42.10
CA GLU B 29 -10.53 12.98 42.97
C GLU B 29 -9.22 13.44 42.31
N ASN B 30 -9.31 14.22 41.24
CA ASN B 30 -8.08 14.68 40.58
C ASN B 30 -7.83 16.17 40.66
N GLU B 31 -6.58 16.54 40.91
CA GLU B 31 -6.18 17.93 41.00
C GLU B 31 -5.43 18.25 39.71
N LEU B 32 -4.44 19.13 39.80
CA LEU B 32 -3.61 19.51 38.64
C LEU B 32 -2.30 18.74 38.77
N LEU B 33 -1.33 19.10 37.93
CA LEU B 33 -0.01 18.50 37.99
C LEU B 33 0.99 19.61 38.22
N ASN B 34 1.73 19.53 39.32
CA ASN B 34 2.72 20.55 39.61
C ASN B 34 3.92 20.28 38.70
N THR B 35 4.72 21.31 38.45
CA THR B 35 5.90 21.22 37.60
C THR B 35 6.67 19.89 37.68
N ASP B 36 7.02 19.47 38.89
CA ASP B 36 7.78 18.23 39.06
C ASP B 36 7.04 16.95 38.76
N GLU B 37 5.78 16.87 39.16
CA GLU B 37 4.99 15.68 38.87
C GLU B 37 4.83 15.53 37.36
N LYS B 38 4.78 16.67 36.66
CA LYS B 38 4.64 16.67 35.21
C LYS B 38 5.90 16.04 34.61
N LYS B 39 7.07 16.59 34.96
CA LYS B 39 8.35 16.08 34.44
C LYS B 39 8.48 14.60 34.76
N LYS B 40 7.99 14.21 35.94
CA LYS B 40 8.05 12.83 36.36
C LYS B 40 7.38 11.97 35.27
N ILE B 41 6.25 12.45 34.75
CA ILE B 41 5.52 11.76 33.71
C ILE B 41 6.34 11.71 32.41
N ILE B 42 6.86 12.87 32.01
CA ILE B 42 7.64 12.98 30.79
C ILE B 42 8.89 12.07 30.75
N ASP B 43 9.63 12.02 31.86
CA ASP B 43 10.83 11.17 31.92
C ASP B 43 10.43 9.72 31.81
N GLN B 44 9.29 9.38 32.38
CA GLN B 44 8.81 7.99 32.31
C GLN B 44 8.49 7.61 30.86
N ILE B 45 7.87 8.53 30.12
CA ILE B 45 7.53 8.30 28.72
C ILE B 45 8.84 8.16 27.91
N LYS B 46 9.83 8.96 28.25
CA LYS B 46 11.11 8.90 27.57
C LYS B 46 11.86 7.60 27.86
N THR B 47 11.83 7.17 29.13
CA THR B 47 12.51 5.94 29.52
C THR B 47 11.92 4.73 28.80
N HIS B 49 10.17 4.89 25.90
CA HIS B 49 10.43 5.10 24.49
C HIS B 49 11.78 4.53 24.08
N ASP B 50 12.80 4.76 24.89
CA ASP B 50 14.14 4.26 24.58
C ASP B 50 14.21 2.74 24.74
N PHE B 51 13.48 2.23 25.73
CA PHE B 51 13.44 0.81 26.00
C PHE B 51 12.83 0.15 24.78
N PHE B 52 11.71 0.69 24.32
CA PHE B 52 11.04 0.14 23.16
C PHE B 52 11.98 0.09 21.96
N LYS B 53 12.61 1.23 21.68
CA LYS B 53 13.53 1.27 20.56
C LYS B 53 14.61 0.20 20.72
N GLN B 54 15.13 0.05 21.94
CA GLN B 54 16.18 -0.93 22.21
C GLN B 54 15.68 -2.35 21.99
N HIS B 56 13.34 -3.57 19.49
CA HIS B 56 13.41 -3.91 18.08
C HIS B 56 14.70 -3.44 17.42
N THR B 57 15.68 -2.99 18.21
CA THR B 57 16.97 -2.53 17.68
C THR B 57 18.08 -3.32 18.39
N ASN B 58 17.73 -4.53 18.83
CA ASN B 58 18.70 -5.37 19.51
C ASN B 58 18.09 -6.69 19.97
N LYS B 59 18.31 -7.74 19.17
CA LYS B 59 17.79 -9.08 19.48
C LYS B 59 18.35 -9.52 20.81
N GLY B 60 19.60 -9.18 21.07
CA GLY B 60 20.22 -9.57 22.32
C GLY B 60 19.55 -8.84 23.47
N ALA B 61 19.01 -7.66 23.16
CA ALA B 61 18.33 -6.80 24.12
C ALA B 61 16.97 -7.34 24.51
N LEU B 62 16.13 -7.61 23.51
CA LEU B 62 14.78 -8.13 23.75
C LEU B 62 14.83 -9.53 24.34
N ASP B 63 15.86 -10.29 23.99
CA ASP B 63 15.99 -11.66 24.49
C ASP B 63 16.25 -11.60 25.98
N LYS B 64 17.16 -10.72 26.37
CA LYS B 64 17.52 -10.51 27.78
C LYS B 64 16.27 -10.18 28.58
N VAL B 65 15.54 -9.20 28.10
CA VAL B 65 14.33 -8.77 28.76
C VAL B 65 13.41 -9.98 28.94
N LEU B 66 13.03 -10.62 27.85
CA LEU B 66 12.17 -11.80 27.92
C LEU B 66 12.71 -12.80 28.95
N ARG B 67 14.01 -13.08 28.87
CA ARG B 67 14.65 -14.00 29.77
C ARG B 67 14.61 -13.57 31.26
N ASN B 68 14.22 -12.33 31.51
CA ASN B 68 14.11 -11.83 32.87
C ASN B 68 12.72 -11.32 33.25
N TYR B 69 11.84 -11.19 32.27
CA TYR B 69 10.48 -10.69 32.53
C TYR B 69 9.42 -11.77 32.45
N LYS B 71 7.56 -15.41 32.61
CA LYS B 71 7.63 -16.41 33.64
C LYS B 71 8.22 -17.66 33.00
N ASP B 72 7.77 -17.95 31.78
CA ASP B 72 8.22 -19.12 31.01
C ASP B 72 8.81 -18.68 29.66
N TYR B 73 10.00 -18.09 29.73
CA TYR B 73 10.72 -17.58 28.55
C TYR B 73 10.74 -18.52 27.36
N ARG B 74 11.04 -19.78 27.63
CA ARG B 74 11.16 -20.82 26.61
C ARG B 74 9.87 -21.24 25.93
N ALA B 75 8.73 -21.07 26.60
CA ALA B 75 7.45 -21.37 25.96
C ALA B 75 7.12 -20.15 25.11
N VAL B 76 7.58 -18.98 25.57
CA VAL B 76 7.31 -17.73 24.86
C VAL B 76 8.03 -17.70 23.51
N ILE B 77 9.27 -18.19 23.45
CA ILE B 77 10.01 -18.18 22.19
C ILE B 77 9.43 -19.18 21.22
N LYS B 78 8.75 -20.20 21.74
CA LYS B 78 8.14 -21.22 20.90
C LYS B 78 6.73 -20.83 20.51
N SER B 79 5.94 -20.42 21.48
CA SER B 79 4.56 -20.02 21.22
C SER B 79 4.44 -18.68 20.51
N ILE B 80 5.25 -17.71 20.91
CA ILE B 80 5.16 -16.37 20.31
C ILE B 80 6.36 -15.97 19.45
N GLY B 81 7.56 -16.11 19.98
CA GLY B 81 8.74 -15.74 19.21
C GLY B 81 9.12 -14.28 19.26
N VAL B 82 10.41 -14.01 19.16
CA VAL B 82 10.93 -12.65 19.20
C VAL B 82 10.41 -11.80 18.04
N ASP B 83 10.11 -12.45 16.93
CA ASP B 83 9.63 -11.76 15.74
C ASP B 83 8.33 -10.98 15.97
N LYS B 84 7.44 -11.51 16.79
CA LYS B 84 6.17 -10.84 17.06
C LYS B 84 6.35 -9.73 18.12
N PHE B 85 7.25 -9.96 19.07
CA PHE B 85 7.55 -8.98 20.10
C PHE B 85 8.17 -7.75 19.47
N LYS B 86 9.15 -7.98 18.62
CA LYS B 86 9.85 -6.90 17.96
C LYS B 86 8.85 -5.99 17.23
N LYS B 87 7.77 -6.59 16.75
CA LYS B 87 6.76 -5.86 16.00
C LYS B 87 6.06 -4.80 16.83
N VAL B 88 5.46 -5.21 17.93
CA VAL B 88 4.75 -4.27 18.78
C VAL B 88 5.67 -3.16 19.24
N TYR B 89 6.92 -3.51 19.54
CA TYR B 89 7.89 -2.57 20.04
C TYR B 89 8.24 -1.51 19.01
N ARG B 90 8.16 -1.86 17.73
CA ARG B 90 8.45 -0.87 16.69
C ARG B 90 7.29 0.11 16.70
N LEU B 91 6.08 -0.42 16.90
CA LEU B 91 4.87 0.37 16.96
C LEU B 91 4.77 1.13 18.29
N LEU B 92 5.36 0.56 19.34
CA LEU B 92 5.34 1.17 20.68
C LEU B 92 6.28 2.37 20.71
N GLU B 93 7.42 2.23 20.06
CA GLU B 93 8.41 3.30 20.01
C GLU B 93 7.80 4.47 19.25
N SER B 94 7.06 4.14 18.20
CA SER B 94 6.41 5.14 17.36
C SER B 94 5.40 5.93 18.17
N GLU B 95 4.53 5.23 18.88
CA GLU B 95 3.49 5.89 19.66
C GLU B 95 4.07 6.74 20.78
N THR B 96 5.11 6.24 21.44
CA THR B 96 5.73 7.01 22.52
C THR B 96 6.30 8.31 21.96
N GLU B 98 5.06 10.00 19.17
CA GLU B 98 3.95 10.89 18.84
C GLU B 98 3.46 11.60 20.10
N LEU B 99 3.30 10.84 21.17
CA LEU B 99 2.86 11.39 22.46
C LEU B 99 3.84 12.45 22.93
N LEU B 100 5.12 12.12 22.89
CA LEU B 100 6.18 13.03 23.29
C LEU B 100 6.09 14.35 22.54
N HIS B 101 5.82 14.29 21.22
CA HIS B 101 5.68 15.51 20.40
C HIS B 101 4.41 16.25 20.79
N ALA B 102 3.35 15.50 21.06
CA ALA B 102 2.09 16.09 21.46
C ALA B 102 2.39 16.94 22.70
N ILE B 103 3.13 16.34 23.63
CA ILE B 103 3.51 17.00 24.87
C ILE B 103 4.31 18.27 24.63
N ALA B 104 5.36 18.15 23.83
CA ALA B 104 6.22 19.28 23.50
C ALA B 104 5.45 20.46 22.89
N GLU B 105 4.72 20.17 21.81
CA GLU B 105 3.95 21.18 21.08
C GLU B 105 2.67 21.60 21.80
N ASN B 106 2.24 20.84 22.80
CA ASN B 106 1.01 21.17 23.51
C ASN B 106 1.24 21.13 25.01
N PRO B 107 1.58 22.28 25.61
CA PRO B 107 1.85 22.52 27.04
C PRO B 107 0.89 21.95 28.12
N ASN B 108 -0.41 22.18 27.97
CA ASN B 108 -1.42 21.70 28.95
C ASN B 108 -1.89 20.27 28.73
N PHE B 109 -1.27 19.55 27.81
CA PHE B 109 -1.62 18.16 27.58
C PHE B 109 -1.13 17.61 28.92
N LEU B 110 -1.62 16.47 29.39
CA LEU B 110 -1.16 15.99 30.71
C LEU B 110 -1.43 17.14 31.68
N PHE B 111 -2.70 17.44 31.93
CA PHE B 111 -3.09 18.54 32.82
C PHE B 111 -3.25 18.14 34.29
N SER B 112 -3.74 16.93 34.52
CA SER B 112 -3.96 16.48 35.88
C SER B 112 -3.57 15.04 36.13
N LYS B 113 -3.63 14.63 37.40
CA LYS B 113 -3.27 13.29 37.77
C LYS B 113 -3.99 12.32 36.86
N PHE B 114 -5.06 12.79 36.22
CA PHE B 114 -5.85 11.89 35.38
C PHE B 114 -5.14 11.49 34.13
N ASP B 115 -4.34 12.38 33.59
CA ASP B 115 -3.64 12.08 32.37
C ASP B 115 -2.59 11.01 32.53
N ARG B 116 -2.24 10.69 33.78
CA ARG B 116 -1.26 9.64 34.00
C ARG B 116 -1.81 8.34 33.41
N SER B 117 -3.08 8.36 33.03
CA SER B 117 -3.74 7.19 32.47
C SER B 117 -3.28 6.90 31.05
N ILE B 118 -2.54 7.83 30.46
CA ILE B 118 -2.02 7.66 29.11
C ILE B 118 -0.93 6.57 29.18
N LEU B 119 -0.26 6.53 30.34
CA LEU B 119 0.81 5.59 30.60
C LEU B 119 0.33 4.15 30.48
N GLY B 120 -0.94 3.92 30.85
CA GLY B 120 -1.51 2.58 30.80
C GLY B 120 -1.41 1.85 29.47
N ILE B 121 -1.13 2.61 28.41
CA ILE B 121 -1.01 2.02 27.09
C ILE B 121 0.33 1.30 26.92
N PHE B 122 1.36 1.82 27.57
CA PHE B 122 2.69 1.27 27.44
C PHE B 122 3.19 0.31 28.53
N LEU B 123 2.64 0.45 29.74
CA LEU B 123 3.01 -0.37 30.89
C LEU B 123 3.01 -1.90 30.73
N PRO B 124 2.02 -2.45 30.02
CA PRO B 124 1.93 -3.91 29.80
C PRO B 124 3.12 -4.50 29.02
N PHE B 125 3.90 -3.64 28.38
CA PHE B 125 5.05 -4.09 27.60
C PHE B 125 6.35 -3.52 28.15
N PHE B 126 6.26 -2.86 29.29
CA PHE B 126 7.45 -2.29 29.89
C PHE B 126 7.70 -2.77 31.31
N SER B 127 6.63 -2.81 32.12
CA SER B 127 6.73 -3.23 33.52
C SER B 127 7.00 -4.71 33.71
N LYS B 128 8.07 -5.01 34.45
CA LYS B 128 8.42 -6.41 34.73
C LYS B 128 7.33 -7.16 35.48
N PRO B 129 6.73 -6.55 36.51
CA PRO B 129 5.67 -7.27 37.24
C PRO B 129 4.47 -7.61 36.37
N ILE B 130 4.07 -6.66 35.52
CA ILE B 130 2.92 -6.87 34.63
C ILE B 130 3.12 -8.05 33.67
N PHE B 132 5.46 -10.44 33.86
CA PHE B 132 5.78 -11.68 34.55
C PHE B 132 4.48 -12.36 34.97
N LYS B 133 3.50 -11.57 35.41
CA LYS B 133 2.24 -12.14 35.84
C LYS B 133 1.40 -12.64 34.66
N SER B 135 0.23 -14.39 31.10
CA SER B 135 0.40 -15.75 30.62
C SER B 135 0.79 -15.65 29.16
N ILE B 136 1.10 -16.79 28.54
CA ILE B 136 1.47 -16.81 27.12
C ILE B 136 0.32 -16.30 26.28
N ARG B 137 -0.83 -16.96 26.38
CA ARG B 137 -2.03 -16.58 25.62
C ARG B 137 -2.34 -15.09 25.78
N GLU B 138 -2.34 -14.64 27.03
CA GLU B 138 -2.62 -13.25 27.32
C GLU B 138 -1.73 -12.35 26.48
N ASP B 140 0.02 -13.11 23.77
CA ASP B 140 -0.20 -13.28 22.33
C ASP B 140 -1.36 -12.42 21.83
N SER B 141 -2.49 -12.46 22.51
CA SER B 141 -3.63 -11.67 22.05
C SER B 141 -3.46 -10.18 22.30
N GLN B 142 -2.70 -9.82 23.33
CA GLN B 142 -2.46 -8.43 23.64
C GLN B 142 -1.62 -7.85 22.51
N ILE B 143 -0.64 -8.63 22.08
CA ILE B 143 0.24 -8.23 21.01
C ILE B 143 -0.59 -8.05 19.74
N GLU B 144 -1.48 -9.01 19.48
CA GLU B 144 -2.30 -8.98 18.28
C GLU B 144 -3.19 -7.75 18.28
N LEU B 145 -3.91 -7.58 19.38
CA LEU B 145 -4.79 -6.45 19.56
C LEU B 145 -4.04 -5.14 19.29
N TYR B 146 -2.93 -4.93 20.01
CA TYR B 146 -2.14 -3.72 19.83
C TYR B 146 -1.78 -3.52 18.37
N GLY B 147 -1.27 -4.59 17.76
CA GLY B 147 -0.89 -4.49 16.37
C GLY B 147 -2.03 -4.06 15.46
N THR B 148 -3.26 -4.36 15.84
CA THR B 148 -4.38 -3.99 15.00
C THR B 148 -5.01 -2.64 15.27
N LYS B 149 -5.14 -2.27 16.54
CA LYS B 149 -5.73 -0.98 16.90
C LYS B 149 -4.80 0.22 16.66
N LEU B 150 -3.62 0.20 17.28
CA LEU B 150 -2.64 1.29 17.19
C LEU B 150 -2.29 1.82 15.80
N PRO B 151 -1.89 0.93 14.87
CA PRO B 151 -1.49 1.24 13.49
C PRO B 151 -2.25 2.40 12.88
N LEU B 152 -3.48 2.12 12.47
CA LEU B 152 -4.33 3.16 11.90
C LEU B 152 -5.17 3.58 13.08
N LEU B 153 -4.82 4.73 13.67
CA LEU B 153 -5.53 5.27 14.83
C LEU B 153 -5.03 6.66 15.15
N LYS B 154 -3.75 6.88 14.86
CA LYS B 154 -3.12 8.16 15.10
C LYS B 154 -3.46 8.71 16.47
N LEU B 155 -2.97 8.03 17.49
CA LEU B 155 -3.17 8.43 18.89
C LEU B 155 -2.15 9.49 19.21
N PHE B 156 -2.63 10.58 19.78
CA PHE B 156 -1.77 11.69 20.15
C PHE B 156 -1.42 12.52 18.92
N VAL B 157 -2.29 12.49 17.93
CA VAL B 157 -2.11 13.31 16.75
C VAL B 157 -3.16 14.40 16.93
N THR B 159 -5.30 18.02 16.62
CA THR B 159 -5.88 18.84 15.56
C THR B 159 -5.85 20.26 16.10
N ASP B 160 -6.00 21.26 15.24
CA ASP B 160 -5.99 22.64 15.69
C ASP B 160 -7.07 22.84 16.76
N GLU B 161 -8.23 22.24 16.53
CA GLU B 161 -9.35 22.32 17.48
C GLU B 161 -8.89 21.83 18.84
N GLU B 162 -8.22 20.69 18.86
CA GLU B 162 -7.72 20.10 20.09
C GLU B 162 -6.65 21.01 20.68
N ASN B 164 -6.09 24.24 20.14
CA ASN B 164 -6.73 25.44 20.64
C ASN B 164 -7.27 25.20 22.04
N PHE B 165 -8.07 24.15 22.17
CA PHE B 165 -8.68 23.79 23.46
C PHE B 165 -7.66 23.84 24.58
N TYR B 166 -6.66 22.96 24.48
CA TYR B 166 -5.60 22.88 25.47
C TYR B 166 -4.94 24.23 25.71
N ALA B 167 -4.81 25.01 24.64
CA ALA B 167 -4.19 26.32 24.74
C ALA B 167 -5.01 27.20 25.69
N ASN B 168 -6.33 27.01 25.67
CA ASN B 168 -7.22 27.78 26.52
C ASN B 168 -7.46 27.26 27.93
N LEU B 169 -7.26 25.97 28.16
CA LEU B 169 -7.48 25.41 29.48
C LEU B 169 -6.99 26.36 30.55
N LYS B 170 -7.81 26.54 31.59
CA LYS B 170 -7.48 27.42 32.69
C LYS B 170 -7.59 26.75 34.05
N THR B 171 -8.63 25.96 34.26
CA THR B 171 -8.82 25.29 35.55
C THR B 171 -9.11 23.81 35.44
N ILE B 172 -8.95 23.11 36.56
CA ILE B 172 -9.23 21.68 36.60
C ILE B 172 -10.73 21.48 36.49
N GLU B 173 -11.47 22.54 36.79
CA GLU B 173 -12.93 22.49 36.72
C GLU B 173 -13.34 22.21 35.29
N GLN B 174 -12.94 23.07 34.36
CA GLN B 174 -13.31 22.89 32.96
C GLN B 174 -12.83 21.52 32.47
N TYR B 175 -11.56 21.23 32.69
CA TYR B 175 -10.99 19.96 32.26
C TYR B 175 -11.80 18.79 32.75
N ASN B 176 -12.10 18.77 34.04
CA ASN B 176 -12.87 17.68 34.64
C ASN B 176 -14.23 17.45 34.04
N ASP B 177 -14.86 18.51 33.53
CA ASP B 177 -16.18 18.35 32.91
C ASP B 177 -15.94 17.98 31.47
N TYR B 178 -14.88 18.54 30.89
CA TYR B 178 -14.53 18.26 29.51
C TYR B 178 -14.33 16.75 29.35
N VAL B 179 -13.69 16.13 30.33
CA VAL B 179 -13.43 14.70 30.32
C VAL B 179 -14.60 13.92 30.90
N ARG B 180 -15.28 14.51 31.89
CA ARG B 180 -16.43 13.88 32.51
C ARG B 180 -17.44 13.66 31.39
N ASP B 181 -17.44 14.59 30.43
CA ASP B 181 -18.32 14.54 29.27
C ASP B 181 -17.83 13.43 28.35
N LEU B 182 -16.71 12.83 28.74
CA LEU B 182 -16.10 11.74 27.96
C LEU B 182 -16.16 12.04 26.48
N LYS C 22 20.09 -5.40 -16.07
CA LYS C 22 20.60 -5.19 -17.46
C LYS C 22 22.07 -4.75 -17.53
N LEU C 23 22.43 -3.69 -16.82
CA LEU C 23 23.80 -3.20 -16.86
C LEU C 23 24.65 -3.63 -15.67
N ILE C 24 24.96 -4.91 -15.67
CA ILE C 24 25.80 -5.52 -14.64
C ILE C 24 27.19 -5.55 -15.26
N GLU C 25 27.25 -5.36 -16.56
CA GLU C 25 28.52 -5.34 -17.30
C GLU C 25 29.44 -4.25 -16.77
N SER C 26 28.87 -3.09 -16.46
CA SER C 26 29.62 -1.95 -15.95
C SER C 26 29.89 -2.13 -14.47
N LEU C 27 29.24 -3.13 -13.88
CA LEU C 27 29.42 -3.43 -12.46
C LEU C 27 30.39 -4.61 -12.38
N GLN C 28 30.72 -5.15 -13.55
CA GLN C 28 31.63 -6.27 -13.68
C GLN C 28 33.07 -5.73 -13.79
N GLU C 29 33.25 -4.67 -14.57
CA GLU C 29 34.57 -4.08 -14.76
C GLU C 29 34.73 -2.72 -14.08
N ASN C 30 33.90 -2.44 -13.07
CA ASN C 30 34.00 -1.16 -12.38
C ASN C 30 35.11 -1.13 -11.34
N GLU C 31 35.62 0.06 -11.09
CA GLU C 31 36.69 0.29 -10.15
C GLU C 31 36.45 1.61 -9.43
N LEU C 32 37.30 1.89 -8.45
CA LEU C 32 37.23 3.13 -7.69
C LEU C 32 37.58 4.27 -8.61
N LEU C 33 36.99 5.43 -8.33
CA LEU C 33 37.23 6.63 -9.10
C LEU C 33 38.36 7.41 -8.48
N ASN C 34 39.39 7.71 -9.26
CA ASN C 34 40.51 8.47 -8.73
C ASN C 34 40.06 9.94 -8.69
N THR C 35 40.73 10.72 -7.85
CA THR C 35 40.44 12.14 -7.66
C THR C 35 40.00 12.90 -8.92
N ASP C 36 40.77 12.78 -9.99
CA ASP C 36 40.45 13.49 -11.23
C ASP C 36 39.24 12.97 -11.98
N GLU C 37 39.08 11.65 -12.04
CA GLU C 37 37.94 11.07 -12.72
C GLU C 37 36.66 11.50 -11.99
N LYS C 38 36.76 11.67 -10.69
CA LYS C 38 35.64 12.08 -9.87
C LYS C 38 35.22 13.49 -10.26
N LYS C 39 36.18 14.42 -10.22
CA LYS C 39 35.92 15.81 -10.57
C LYS C 39 35.41 15.90 -11.99
N LYS C 40 35.89 15.00 -12.83
CA LYS C 40 35.48 14.97 -14.21
C LYS C 40 33.96 14.83 -14.22
N ILE C 41 33.45 13.97 -13.34
CA ILE C 41 32.02 13.72 -13.22
C ILE C 41 31.29 14.97 -12.74
N ILE C 42 31.76 15.51 -11.61
CA ILE C 42 31.17 16.69 -11.00
C ILE C 42 31.03 17.91 -11.91
N ASP C 43 32.08 18.19 -12.67
CA ASP C 43 32.07 19.32 -13.59
C ASP C 43 31.02 19.09 -14.64
N GLN C 44 30.90 17.84 -15.08
CA GLN C 44 29.89 17.47 -16.09
C GLN C 44 28.48 17.71 -15.58
N ILE C 45 28.24 17.38 -14.32
CA ILE C 45 26.93 17.57 -13.72
C ILE C 45 26.65 19.08 -13.59
N LYS C 46 27.72 19.83 -13.32
CA LYS C 46 27.60 21.28 -13.19
C LYS C 46 27.32 21.93 -14.54
N THR C 47 28.02 21.45 -15.56
CA THR C 47 27.83 21.98 -16.90
C THR C 47 26.41 21.76 -17.40
N HIS C 49 23.71 21.20 -15.41
CA HIS C 49 22.85 21.97 -14.52
C HIS C 49 22.67 23.42 -14.97
N ASP C 50 23.76 24.04 -15.41
CA ASP C 50 23.69 25.44 -15.86
C ASP C 50 22.96 25.49 -17.20
N PHE C 51 23.17 24.49 -18.03
CA PHE C 51 22.52 24.39 -19.35
C PHE C 51 21.02 24.32 -19.12
N PHE C 52 20.62 23.40 -18.25
CA PHE C 52 19.22 23.24 -17.93
C PHE C 52 18.62 24.56 -17.47
N LYS C 53 19.24 25.20 -16.49
CA LYS C 53 18.75 26.50 -16.01
C LYS C 53 18.63 27.50 -17.18
N GLN C 54 19.63 27.53 -18.06
CA GLN C 54 19.60 28.44 -19.20
C GLN C 54 18.49 28.08 -20.20
N HIS C 56 15.56 27.23 -19.60
CA HIS C 56 14.22 27.64 -19.21
C HIS C 56 14.09 29.09 -18.81
N THR C 57 15.20 29.71 -18.37
CA THR C 57 15.15 31.12 -17.97
C THR C 57 15.51 32.03 -19.11
N ASN C 58 16.44 31.60 -19.94
CA ASN C 58 16.86 32.36 -21.11
C ASN C 58 15.95 31.89 -22.24
N LYS C 59 15.10 32.77 -22.75
CA LYS C 59 14.20 32.38 -23.82
C LYS C 59 14.96 32.04 -25.13
N GLY C 60 15.78 32.98 -25.60
CA GLY C 60 16.52 32.75 -26.83
C GLY C 60 17.43 31.53 -26.81
N ALA C 61 17.90 31.16 -25.63
CA ALA C 61 18.79 30.01 -25.50
C ALA C 61 18.14 28.67 -25.90
N LEU C 62 16.88 28.45 -25.54
CA LEU C 62 16.24 27.19 -25.94
C LEU C 62 15.94 27.18 -27.42
N ASP C 63 15.70 28.35 -28.00
CA ASP C 63 15.39 28.41 -29.43
C ASP C 63 16.63 28.05 -30.21
N LYS C 64 17.74 28.60 -29.76
CA LYS C 64 19.05 28.36 -30.35
C LYS C 64 19.39 26.86 -30.25
N VAL C 65 18.97 26.22 -29.17
CA VAL C 65 19.26 24.80 -29.02
C VAL C 65 18.38 23.95 -29.93
N LEU C 66 17.07 24.16 -29.88
CA LEU C 66 16.13 23.41 -30.67
C LEU C 66 16.44 23.48 -32.17
N ARG C 67 16.87 24.65 -32.63
CA ARG C 67 17.20 24.81 -34.03
C ARG C 67 18.46 24.03 -34.39
N ASN C 68 19.31 23.79 -33.39
CA ASN C 68 20.59 23.10 -33.60
C ASN C 68 20.68 21.65 -33.13
N TYR C 69 19.77 21.23 -32.27
CA TYR C 69 19.82 19.85 -31.78
C TYR C 69 18.79 18.94 -32.45
N LYS C 71 16.25 17.33 -35.17
CA LYS C 71 16.46 17.03 -36.57
C LYS C 71 15.32 17.77 -37.29
N ASP C 72 14.20 17.94 -36.58
CA ASP C 72 13.03 18.60 -37.13
C ASP C 72 12.45 19.70 -36.23
N TYR C 73 13.09 20.88 -36.24
CA TYR C 73 12.68 22.03 -35.42
C TYR C 73 11.23 22.42 -35.62
N ARG C 74 10.90 22.81 -36.85
CA ARG C 74 9.55 23.23 -37.18
C ARG C 74 8.49 22.26 -36.64
N ALA C 75 8.70 20.97 -36.85
CA ALA C 75 7.72 20.00 -36.38
C ALA C 75 7.74 19.97 -34.87
N VAL C 76 8.91 20.15 -34.29
CA VAL C 76 9.03 20.14 -32.83
C VAL C 76 8.23 21.27 -32.22
N ILE C 77 8.35 22.47 -32.78
CA ILE C 77 7.64 23.61 -32.23
C ILE C 77 6.14 23.48 -32.41
N LYS C 78 5.73 22.72 -33.41
CA LYS C 78 4.31 22.52 -33.65
C LYS C 78 3.77 21.33 -32.85
N SER C 79 4.48 20.22 -32.90
CA SER C 79 4.04 19.03 -32.19
C SER C 79 4.24 19.11 -30.69
N ILE C 80 5.37 19.65 -30.24
CA ILE C 80 5.66 19.73 -28.81
C ILE C 80 5.62 21.15 -28.23
N GLY C 81 6.36 22.07 -28.82
CA GLY C 81 6.36 23.44 -28.33
C GLY C 81 7.37 23.69 -27.21
N VAL C 82 7.90 24.92 -27.18
CA VAL C 82 8.88 25.31 -26.19
C VAL C 82 8.34 25.23 -24.76
N ASP C 83 7.03 25.36 -24.63
CA ASP C 83 6.37 25.31 -23.34
C ASP C 83 6.56 24.00 -22.57
N LYS C 84 6.59 22.89 -23.29
CA LYS C 84 6.77 21.58 -22.68
C LYS C 84 8.26 21.33 -22.42
N PHE C 85 9.11 21.83 -23.29
CA PHE C 85 10.55 21.67 -23.12
C PHE C 85 11.03 22.42 -21.89
N LYS C 86 10.52 23.63 -21.73
CA LYS C 86 10.89 24.47 -20.62
C LYS C 86 10.53 23.80 -19.31
N LYS C 87 9.46 22.98 -19.33
CA LYS C 87 8.99 22.28 -18.15
C LYS C 87 9.98 21.26 -17.63
N VAL C 88 10.38 20.31 -18.47
CA VAL C 88 11.34 19.29 -18.06
C VAL C 88 12.65 19.92 -17.57
N TYR C 89 13.09 20.96 -18.26
CA TYR C 89 14.31 21.64 -17.90
C TYR C 89 14.28 22.30 -16.53
N ARG C 90 13.10 22.73 -16.09
CA ARG C 90 12.99 23.33 -14.76
C ARG C 90 13.19 22.18 -13.78
N LEU C 91 12.60 21.02 -14.10
CA LEU C 91 12.68 19.83 -13.26
C LEU C 91 14.06 19.19 -13.35
N LEU C 92 14.70 19.37 -14.50
CA LEU C 92 16.04 18.83 -14.71
C LEU C 92 17.07 19.65 -13.91
N GLU C 93 16.90 20.96 -13.91
CA GLU C 93 17.81 21.84 -13.17
C GLU C 93 17.68 21.48 -11.69
N SER C 94 16.46 21.24 -11.24
CA SER C 94 16.22 20.87 -9.84
C SER C 94 16.94 19.58 -9.47
N GLU C 95 16.74 18.55 -10.28
CA GLU C 95 17.37 17.27 -9.99
C GLU C 95 18.91 17.35 -10.04
N THR C 96 19.46 18.11 -10.96
CA THR C 96 20.91 18.21 -11.01
C THR C 96 21.39 18.89 -9.74
N GLU C 98 19.87 18.72 -6.61
CA GLU C 98 19.79 17.77 -5.51
C GLU C 98 20.98 16.79 -5.54
N LEU C 99 21.31 16.27 -6.72
CA LEU C 99 22.44 15.36 -6.88
C LEU C 99 23.74 16.06 -6.46
N LEU C 100 23.91 17.29 -6.92
CA LEU C 100 25.10 18.08 -6.59
C LEU C 100 25.26 18.18 -5.05
N HIS C 101 24.16 18.44 -4.35
CA HIS C 101 24.22 18.54 -2.90
C HIS C 101 24.52 17.18 -2.28
N ALA C 102 23.91 16.13 -2.85
CA ALA C 102 24.13 14.79 -2.37
C ALA C 102 25.65 14.56 -2.43
N ILE C 103 26.24 14.88 -3.57
CA ILE C 103 27.67 14.75 -3.76
C ILE C 103 28.41 15.59 -2.71
N ALA C 104 27.91 16.80 -2.51
CA ALA C 104 28.46 17.76 -1.58
C ALA C 104 28.67 17.18 -0.18
N GLU C 105 27.63 16.66 0.45
CA GLU C 105 27.79 16.12 1.80
C GLU C 105 27.98 14.61 1.87
N ASN C 106 28.16 13.95 0.73
CA ASN C 106 28.38 12.52 0.72
C ASN C 106 29.58 12.22 -0.16
N PRO C 107 30.78 12.57 0.33
CA PRO C 107 32.08 12.37 -0.34
C PRO C 107 32.35 11.00 -0.98
N ASN C 108 31.79 9.94 -0.40
CA ASN C 108 31.97 8.60 -0.97
C ASN C 108 30.83 8.24 -1.93
N PHE C 109 29.90 9.16 -2.10
CA PHE C 109 28.81 8.99 -3.07
C PHE C 109 29.56 9.58 -4.28
N LEU C 110 29.84 8.69 -5.23
CA LEU C 110 30.61 8.95 -6.44
C LEU C 110 31.92 8.25 -6.08
N PHE C 111 31.76 6.96 -5.82
CA PHE C 111 32.79 6.03 -5.37
C PHE C 111 33.43 5.28 -6.55
N SER C 112 32.58 4.96 -7.52
CA SER C 112 33.01 4.18 -8.64
C SER C 112 32.49 4.69 -9.96
N LYS C 113 33.11 4.18 -11.02
CA LYS C 113 32.75 4.53 -12.37
C LYS C 113 31.35 4.04 -12.61
N PHE C 114 30.92 3.01 -11.88
CA PHE C 114 29.55 2.50 -12.07
C PHE C 114 28.58 3.65 -11.85
N ASP C 115 28.96 4.55 -10.95
CA ASP C 115 28.10 5.66 -10.62
C ASP C 115 27.96 6.64 -11.79
N ARG C 116 28.83 6.51 -12.79
CA ARG C 116 28.72 7.37 -13.95
C ARG C 116 27.35 7.13 -14.61
N SER C 117 26.64 6.11 -14.12
CA SER C 117 25.33 5.77 -14.66
C SER C 117 24.23 6.71 -14.18
N ILE C 118 24.59 7.59 -13.25
CA ILE C 118 23.63 8.59 -12.75
C ILE C 118 23.46 9.63 -13.86
N LEU C 119 24.53 9.82 -14.63
CA LEU C 119 24.55 10.77 -15.74
C LEU C 119 23.48 10.42 -16.77
N GLY C 120 23.20 9.13 -16.95
CA GLY C 120 22.21 8.69 -17.93
C GLY C 120 20.82 9.29 -17.78
N ILE C 121 20.56 9.92 -16.65
CA ILE C 121 19.28 10.54 -16.42
C ILE C 121 19.18 11.88 -17.14
N PHE C 122 20.31 12.56 -17.27
CA PHE C 122 20.33 13.88 -17.90
C PHE C 122 20.74 13.96 -19.38
N LEU C 123 21.58 13.02 -19.81
CA LEU C 123 22.09 12.97 -21.19
C LEU C 123 21.09 13.11 -22.35
N PRO C 124 19.90 12.50 -22.22
CA PRO C 124 18.87 12.56 -23.25
C PRO C 124 18.35 13.98 -23.53
N PHE C 125 18.59 14.88 -22.60
CA PHE C 125 18.14 16.26 -22.76
C PHE C 125 19.32 17.22 -22.83
N PHE C 126 20.52 16.68 -22.87
CA PHE C 126 21.70 17.53 -22.92
C PHE C 126 22.56 17.28 -24.16
N SER C 127 22.77 16.01 -24.48
CA SER C 127 23.60 15.62 -25.62
C SER C 127 22.99 15.90 -27.00
N LYS C 128 23.73 16.62 -27.84
CA LYS C 128 23.26 16.93 -29.18
C LYS C 128 23.06 15.68 -30.03
N PRO C 129 23.95 14.69 -29.91
CA PRO C 129 23.77 13.48 -30.71
C PRO C 129 22.52 12.68 -30.32
N ILE C 130 22.27 12.57 -29.03
CA ILE C 130 21.12 11.84 -28.55
C ILE C 130 19.79 12.45 -29.00
N PHE C 132 19.33 14.67 -31.46
CA PHE C 132 19.23 14.80 -32.90
C PHE C 132 18.70 13.48 -33.47
N LYS C 133 19.18 12.36 -32.93
CA LYS C 133 18.74 11.05 -33.41
C LYS C 133 17.30 10.74 -33.00
N SER C 135 13.24 11.10 -32.24
CA SER C 135 12.16 11.51 -33.12
C SER C 135 11.23 12.39 -32.31
N ILE C 136 10.21 12.95 -32.96
CA ILE C 136 9.28 13.82 -32.27
C ILE C 136 8.55 13.02 -31.18
N ARG C 137 7.86 11.96 -31.60
CA ARG C 137 7.12 11.11 -30.68
C ARG C 137 7.98 10.69 -29.48
N GLU C 138 9.18 10.19 -29.77
CA GLU C 138 10.12 9.77 -28.73
C GLU C 138 10.30 10.89 -27.71
N ASP C 140 8.43 13.49 -27.19
CA ASP C 140 7.18 13.83 -26.49
C ASP C 140 6.89 12.92 -25.29
N SER C 141 7.01 11.61 -25.47
CA SER C 141 6.74 10.70 -24.37
C SER C 141 7.83 10.68 -23.32
N GLN C 142 9.06 10.96 -23.74
CA GLN C 142 10.19 10.99 -22.81
C GLN C 142 9.94 12.19 -21.88
N ILE C 143 9.52 13.30 -22.47
CA ILE C 143 9.24 14.49 -21.69
C ILE C 143 8.09 14.21 -20.71
N GLU C 144 7.05 13.53 -21.19
CA GLU C 144 5.90 13.20 -20.36
C GLU C 144 6.35 12.30 -19.21
N LEU C 145 7.03 11.23 -19.57
CA LEU C 145 7.54 10.28 -18.59
C LEU C 145 8.32 11.01 -17.50
N TYR C 146 9.34 11.75 -17.90
CA TYR C 146 10.16 12.48 -16.95
C TYR C 146 9.33 13.36 -16.05
N GLY C 147 8.39 14.07 -16.67
CA GLY C 147 7.52 14.95 -15.90
C GLY C 147 6.73 14.23 -14.83
N THR C 148 6.40 12.97 -15.06
CA THR C 148 5.60 12.23 -14.10
C THR C 148 6.41 11.47 -13.05
N LYS C 149 7.54 10.89 -13.44
CA LYS C 149 8.34 10.13 -12.49
C LYS C 149 9.16 11.00 -11.54
N LEU C 150 10.02 11.85 -12.09
CA LEU C 150 10.89 12.70 -11.31
C LEU C 150 10.22 13.43 -10.14
N PRO C 151 8.99 13.95 -10.34
CA PRO C 151 8.30 14.66 -9.24
C PRO C 151 8.08 13.85 -7.94
N LEU C 152 7.30 12.78 -8.00
CA LEU C 152 7.06 11.95 -6.81
C LEU C 152 7.98 10.74 -6.90
N LEU C 153 9.24 10.95 -6.54
CA LEU C 153 10.28 9.93 -6.59
C LEU C 153 11.36 10.36 -5.58
N LYS C 154 11.73 11.63 -5.67
CA LYS C 154 12.74 12.21 -4.78
C LYS C 154 14.09 11.51 -4.84
N LEU C 155 14.73 11.56 -6.01
CA LEU C 155 16.05 10.96 -6.21
C LEU C 155 17.13 11.83 -5.58
N PHE C 156 18.21 11.20 -5.16
CA PHE C 156 19.33 11.93 -4.59
C PHE C 156 19.06 12.63 -3.27
N VAL C 157 17.96 12.25 -2.63
CA VAL C 157 17.62 12.79 -1.32
C VAL C 157 18.02 11.70 -0.35
N THR C 159 19.17 9.63 3.14
CA THR C 159 18.65 9.43 4.49
C THR C 159 19.87 9.20 5.36
N ASP C 160 19.72 9.33 6.68
CA ASP C 160 20.86 9.12 7.57
C ASP C 160 21.43 7.73 7.32
N GLU C 161 20.53 6.76 7.17
CA GLU C 161 20.95 5.38 6.92
C GLU C 161 21.82 5.30 5.67
N GLU C 162 21.41 5.98 4.62
CA GLU C 162 22.17 6.00 3.36
C GLU C 162 23.50 6.73 3.58
N ASN C 164 25.14 7.30 6.42
CA ASN C 164 26.00 6.46 7.27
C ASN C 164 26.71 5.43 6.40
N PHE C 165 25.93 4.71 5.61
CA PHE C 165 26.48 3.69 4.73
C PHE C 165 27.67 4.23 3.95
N TYR C 166 27.42 5.26 3.15
CA TYR C 166 28.47 5.86 2.34
C TYR C 166 29.64 6.32 3.20
N ALA C 167 29.33 6.77 4.40
CA ALA C 167 30.37 7.24 5.30
C ALA C 167 31.32 6.09 5.63
N ASN C 168 30.77 4.88 5.71
CA ASN C 168 31.57 3.70 6.04
C ASN C 168 32.24 3.00 4.87
N LEU C 169 31.73 3.17 3.66
CA LEU C 169 32.33 2.51 2.51
C LEU C 169 33.86 2.50 2.61
N LYS C 170 34.46 1.35 2.34
CA LYS C 170 35.90 1.21 2.40
C LYS C 170 36.48 0.65 1.12
N THR C 171 35.85 -0.38 0.56
CA THR C 171 36.37 -0.99 -0.66
C THR C 171 35.33 -1.17 -1.75
N ILE C 172 35.81 -1.35 -2.97
CA ILE C 172 34.92 -1.57 -4.12
C ILE C 172 34.25 -2.90 -3.96
N GLU C 173 34.82 -3.75 -3.11
CA GLU C 173 34.27 -5.08 -2.88
C GLU C 173 32.89 -4.92 -2.25
N GLN C 174 32.84 -4.26 -1.10
CA GLN C 174 31.56 -4.05 -0.42
C GLN C 174 30.57 -3.37 -1.36
N TYR C 175 30.99 -2.26 -1.94
CA TYR C 175 30.14 -1.51 -2.85
C TYR C 175 29.55 -2.41 -3.94
N ASN C 176 30.42 -3.14 -4.63
CA ASN C 176 29.98 -4.02 -5.71
C ASN C 176 28.93 -5.04 -5.29
N ASP C 177 28.97 -5.52 -4.05
CA ASP C 177 27.98 -6.48 -3.59
C ASP C 177 26.76 -5.70 -3.16
N TYR C 178 27.01 -4.53 -2.57
CA TYR C 178 25.94 -3.66 -2.12
C TYR C 178 25.01 -3.36 -3.29
N VAL C 179 25.59 -3.10 -4.45
CA VAL C 179 24.84 -2.80 -5.66
C VAL C 179 24.44 -4.06 -6.41
N ARG C 180 25.31 -5.08 -6.35
CA ARG C 180 25.03 -6.34 -7.00
C ARG C 180 23.73 -6.85 -6.37
N ASP C 181 23.55 -6.53 -5.10
CA ASP C 181 22.36 -6.94 -4.36
C ASP C 181 21.20 -6.10 -4.85
N LEU C 182 21.50 -5.16 -5.75
CA LEU C 182 20.51 -4.26 -6.32
C LEU C 182 19.55 -3.75 -5.25
N LYS D 22 3.97 -21.30 10.87
CA LYS D 22 4.39 -21.85 12.20
C LYS D 22 4.14 -23.36 12.28
N LEU D 23 3.15 -23.83 11.52
CA LEU D 23 2.80 -25.25 11.52
C LEU D 23 2.62 -25.85 10.12
N ILE D 24 3.73 -26.04 9.42
CA ILE D 24 3.71 -26.62 8.09
C ILE D 24 3.56 -28.11 8.28
N GLU D 25 3.83 -28.56 9.50
CA GLU D 25 3.75 -29.97 9.87
C GLU D 25 2.52 -30.59 9.20
N SER D 26 1.34 -30.17 9.63
CA SER D 26 0.10 -30.68 9.06
C SER D 26 0.10 -30.52 7.54
N LEU D 27 0.74 -29.44 7.07
CA LEU D 27 0.79 -29.15 5.64
C LEU D 27 1.76 -30.03 4.89
N GLN D 28 2.71 -30.62 5.61
CA GLN D 28 3.67 -31.49 4.95
C GLN D 28 2.93 -32.70 4.43
N GLU D 29 2.76 -33.68 5.30
CA GLU D 29 2.05 -34.90 4.96
C GLU D 29 0.54 -34.62 4.94
N ASN D 30 0.13 -33.72 4.05
CA ASN D 30 -1.26 -33.32 3.91
C ASN D 30 -2.01 -34.16 2.89
N GLU D 31 -2.96 -34.96 3.37
CA GLU D 31 -3.75 -35.82 2.51
C GLU D 31 -5.16 -35.33 2.23
N LEU D 32 -5.81 -35.99 1.28
CA LEU D 32 -7.16 -35.68 0.86
C LEU D 32 -8.20 -36.03 1.92
N LEU D 33 -9.26 -35.24 1.99
CA LEU D 33 -10.34 -35.52 2.94
C LEU D 33 -11.34 -36.43 2.24
N ASN D 34 -11.55 -37.61 2.80
CA ASN D 34 -12.50 -38.54 2.21
C ASN D 34 -13.90 -38.03 2.56
N THR D 35 -14.88 -38.41 1.75
CA THR D 35 -16.28 -38.01 1.91
C THR D 35 -16.77 -37.87 3.35
N ASP D 36 -16.53 -38.89 4.18
CA ASP D 36 -16.96 -38.85 5.56
C ASP D 36 -16.21 -37.88 6.45
N GLU D 37 -14.89 -37.79 6.28
CA GLU D 37 -14.09 -36.85 7.08
C GLU D 37 -14.54 -35.43 6.76
N LYS D 38 -14.95 -35.21 5.51
CA LYS D 38 -15.40 -33.91 5.07
C LYS D 38 -16.66 -33.53 5.81
N LYS D 39 -17.66 -34.40 5.74
CA LYS D 39 -18.93 -34.15 6.40
C LYS D 39 -18.70 -33.98 7.90
N LYS D 40 -17.74 -34.71 8.44
CA LYS D 40 -17.43 -34.62 9.86
C LYS D 40 -17.15 -33.14 10.15
N ILE D 41 -16.43 -32.49 9.24
CA ILE D 41 -16.06 -31.08 9.39
C ILE D 41 -17.31 -30.21 9.33
N ILE D 42 -18.10 -30.40 8.27
CA ILE D 42 -19.32 -29.65 8.04
C ILE D 42 -20.34 -29.69 9.19
N ASP D 43 -20.57 -30.87 9.76
CA ASP D 43 -21.51 -31.00 10.87
C ASP D 43 -20.98 -30.26 12.08
N GLN D 44 -19.67 -30.27 12.24
CA GLN D 44 -19.02 -29.56 13.34
C GLN D 44 -19.24 -28.05 13.24
N ILE D 45 -19.12 -27.53 12.03
CA ILE D 45 -19.31 -26.10 11.79
C ILE D 45 -20.78 -25.76 12.03
N LYS D 46 -21.66 -26.68 11.68
CA LYS D 46 -23.09 -26.48 11.87
C LYS D 46 -23.48 -26.53 13.35
N THR D 47 -22.86 -27.44 14.09
CA THR D 47 -23.13 -27.57 15.50
C THR D 47 -22.71 -26.30 16.24
N HIS D 49 -22.29 -23.26 14.84
CA HIS D 49 -23.14 -22.19 14.33
C HIS D 49 -24.45 -22.06 15.09
N ASP D 50 -25.08 -23.18 15.39
CA ASP D 50 -26.34 -23.18 16.12
C ASP D 50 -26.10 -22.79 17.57
N PHE D 51 -24.99 -23.26 18.12
CA PHE D 51 -24.60 -22.95 19.50
C PHE D 51 -24.45 -21.43 19.61
N PHE D 52 -23.68 -20.85 18.68
CA PHE D 52 -23.46 -19.41 18.68
C PHE D 52 -24.78 -18.66 18.64
N LYS D 53 -25.65 -19.03 17.72
CA LYS D 53 -26.96 -18.38 17.62
C LYS D 53 -27.72 -18.50 18.94
N GLN D 54 -27.67 -19.67 19.55
CA GLN D 54 -28.35 -19.91 20.82
C GLN D 54 -27.73 -19.07 21.93
N HIS D 56 -26.85 -16.19 21.76
CA HIS D 56 -27.33 -14.82 21.74
C HIS D 56 -28.81 -14.73 21.32
N THR D 57 -29.55 -15.78 21.66
CA THR D 57 -30.98 -15.88 21.35
C THR D 57 -31.77 -16.26 22.60
N ASN D 58 -31.11 -16.94 23.52
CA ASN D 58 -31.77 -17.35 24.75
C ASN D 58 -30.86 -17.29 25.96
N LYS D 59 -31.40 -16.86 27.10
CA LYS D 59 -30.63 -16.71 28.34
C LYS D 59 -30.27 -18.01 29.04
N GLY D 60 -31.05 -19.05 28.81
CA GLY D 60 -30.75 -20.32 29.43
C GLY D 60 -29.43 -20.80 28.85
N ALA D 61 -29.38 -20.82 27.53
CA ALA D 61 -28.21 -21.28 26.79
C ALA D 61 -26.91 -20.61 27.22
N LEU D 62 -26.92 -19.29 27.29
CA LEU D 62 -25.74 -18.51 27.68
C LEU D 62 -25.50 -18.40 29.19
N ASP D 63 -26.55 -18.33 30.01
CA ASP D 63 -26.30 -18.23 31.44
C ASP D 63 -25.70 -19.55 31.88
N LYS D 64 -26.43 -20.63 31.62
CA LYS D 64 -25.96 -21.94 32.01
C LYS D 64 -24.50 -22.05 31.60
N VAL D 65 -24.27 -21.97 30.28
CA VAL D 65 -22.94 -22.09 29.69
C VAL D 65 -21.84 -21.53 30.56
N LEU D 66 -21.72 -20.21 30.64
CA LEU D 66 -20.69 -19.56 31.47
C LEU D 66 -20.47 -20.25 32.80
N ARG D 67 -21.57 -20.51 33.51
CA ARG D 67 -21.52 -21.20 34.81
C ARG D 67 -20.89 -22.57 34.66
N ASN D 68 -21.10 -23.20 33.51
CA ASN D 68 -20.56 -24.52 33.27
C ASN D 68 -19.22 -24.54 32.53
N TYR D 69 -18.89 -23.46 31.83
CA TYR D 69 -17.64 -23.42 31.08
C TYR D 69 -16.56 -22.61 31.76
N LYS D 71 -14.25 -20.86 34.65
CA LYS D 71 -13.61 -21.38 35.85
C LYS D 71 -13.97 -20.57 37.11
N ASP D 72 -14.55 -19.39 36.92
CA ASP D 72 -14.93 -18.48 38.01
C ASP D 72 -16.22 -17.74 37.65
N TYR D 73 -17.33 -18.47 37.58
CA TYR D 73 -18.59 -17.84 37.21
C TYR D 73 -18.81 -16.37 37.57
N ARG D 74 -18.81 -16.02 38.85
CA ARG D 74 -19.08 -14.63 39.22
C ARG D 74 -18.11 -13.55 38.74
N ALA D 75 -16.83 -13.85 38.65
CA ALA D 75 -15.91 -12.79 38.23
C ALA D 75 -16.13 -12.45 36.76
N VAL D 76 -16.55 -13.42 35.97
CA VAL D 76 -16.79 -13.18 34.56
C VAL D 76 -17.96 -12.21 34.38
N ILE D 77 -19.05 -12.41 35.12
CA ILE D 77 -20.21 -11.51 34.99
C ILE D 77 -19.91 -10.12 35.45
N LYS D 78 -18.95 -9.99 36.36
CA LYS D 78 -18.56 -8.69 36.88
C LYS D 78 -17.51 -8.03 35.98
N SER D 79 -16.45 -8.77 35.68
CA SER D 79 -15.37 -8.25 34.85
C SER D 79 -15.74 -8.08 33.38
N ILE D 80 -16.48 -9.05 32.83
CA ILE D 80 -16.85 -9.01 31.44
C ILE D 80 -18.32 -8.78 31.15
N GLY D 81 -19.19 -9.58 31.75
CA GLY D 81 -20.62 -9.40 31.53
C GLY D 81 -21.15 -10.10 30.29
N VAL D 82 -22.42 -10.54 30.38
CA VAL D 82 -23.06 -11.25 29.28
C VAL D 82 -23.19 -10.39 28.03
N ASP D 83 -23.22 -9.08 28.23
CA ASP D 83 -23.35 -8.14 27.13
C ASP D 83 -22.23 -8.22 26.10
N LYS D 84 -21.00 -8.45 26.55
CA LYS D 84 -19.86 -8.54 25.66
C LYS D 84 -19.79 -9.93 25.01
N PHE D 85 -20.18 -10.95 25.76
CA PHE D 85 -20.18 -12.32 25.23
C PHE D 85 -21.19 -12.45 24.10
N LYS D 86 -22.38 -11.89 24.32
CA LYS D 86 -23.43 -11.94 23.32
C LYS D 86 -22.96 -11.30 22.00
N LYS D 87 -22.08 -10.30 22.12
CA LYS D 87 -21.56 -9.59 20.97
C LYS D 87 -20.74 -10.50 20.06
N VAL D 88 -19.69 -11.12 20.60
CA VAL D 88 -18.85 -12.00 19.78
C VAL D 88 -19.66 -13.11 19.16
N TYR D 89 -20.59 -13.66 19.93
CA TYR D 89 -21.44 -14.72 19.43
C TYR D 89 -22.34 -14.33 18.25
N ARG D 90 -22.73 -13.06 18.18
CA ARG D 90 -23.54 -12.60 17.05
C ARG D 90 -22.62 -12.63 15.85
N LEU D 91 -21.39 -12.14 16.06
CA LEU D 91 -20.38 -12.09 15.01
C LEU D 91 -19.85 -13.48 14.65
N LEU D 92 -19.89 -14.39 15.64
CA LEU D 92 -19.44 -15.77 15.45
C LEU D 92 -20.45 -16.55 14.62
N GLU D 93 -21.73 -16.32 14.90
CA GLU D 93 -22.80 -16.96 14.16
C GLU D 93 -22.71 -16.54 12.70
N SER D 94 -22.46 -15.25 12.48
CA SER D 94 -22.34 -14.68 11.14
C SER D 94 -21.21 -15.32 10.36
N GLU D 95 -20.04 -15.43 10.99
CA GLU D 95 -18.87 -16.01 10.35
C GLU D 95 -19.06 -17.48 10.04
N THR D 96 -19.68 -18.21 10.96
CA THR D 96 -19.93 -19.63 10.70
C THR D 96 -20.88 -19.77 9.50
N GLU D 98 -21.10 -17.56 6.84
CA GLU D 98 -20.37 -17.24 5.63
C GLU D 98 -19.54 -18.46 5.20
N LEU D 99 -18.84 -19.07 6.14
CA LEU D 99 -18.02 -20.24 5.84
C LEU D 99 -18.89 -21.36 5.27
N LEU D 100 -20.02 -21.60 5.93
CA LEU D 100 -20.96 -22.63 5.50
C LEU D 100 -21.38 -22.42 4.05
N HIS D 101 -21.60 -21.17 3.67
CA HIS D 101 -21.99 -20.86 2.30
C HIS D 101 -20.84 -21.03 1.35
N ALA D 102 -19.64 -20.67 1.82
CA ALA D 102 -18.43 -20.81 1.02
C ALA D 102 -18.34 -22.28 0.67
N ILE D 103 -18.54 -23.12 1.68
CA ILE D 103 -18.50 -24.57 1.53
C ILE D 103 -19.52 -25.05 0.47
N ALA D 104 -20.73 -24.48 0.52
CA ALA D 104 -21.77 -24.84 -0.45
C ALA D 104 -21.57 -24.14 -1.80
N GLU D 105 -20.93 -22.98 -1.77
CA GLU D 105 -20.70 -22.26 -3.02
C GLU D 105 -19.54 -22.92 -3.77
N ASN D 106 -18.64 -23.54 -3.02
CA ASN D 106 -17.46 -24.17 -3.60
C ASN D 106 -17.15 -25.54 -3.02
N PRO D 107 -17.79 -26.60 -3.55
CA PRO D 107 -17.55 -27.96 -3.06
C PRO D 107 -16.08 -28.30 -2.76
N ASN D 108 -15.16 -27.75 -3.56
CA ASN D 108 -13.75 -28.02 -3.33
C ASN D 108 -13.15 -27.33 -2.12
N PHE D 109 -13.93 -26.53 -1.40
CA PHE D 109 -13.43 -25.87 -0.20
C PHE D 109 -13.33 -26.96 0.85
N LEU D 110 -12.24 -26.96 1.62
CA LEU D 110 -12.01 -28.00 2.63
C LEU D 110 -11.65 -29.22 1.80
N PHE D 111 -10.50 -29.11 1.15
CA PHE D 111 -9.98 -30.12 0.22
C PHE D 111 -9.07 -31.13 0.88
N SER D 112 -8.17 -30.65 1.71
CA SER D 112 -7.19 -31.47 2.42
C SER D 112 -7.46 -31.47 3.91
N LYS D 113 -6.68 -32.26 4.65
CA LYS D 113 -6.79 -32.36 6.11
C LYS D 113 -6.18 -31.17 6.85
N PHE D 114 -5.66 -30.20 6.09
CA PHE D 114 -5.06 -28.98 6.61
C PHE D 114 -6.15 -27.93 6.84
N ASP D 115 -7.21 -28.04 6.07
CA ASP D 115 -8.29 -27.09 6.18
C ASP D 115 -9.02 -27.16 7.52
N ARG D 116 -8.80 -28.24 8.26
CA ARG D 116 -9.42 -28.39 9.57
C ARG D 116 -8.95 -27.25 10.45
N SER D 117 -7.99 -26.48 9.95
CA SER D 117 -7.43 -25.33 10.68
C SER D 117 -8.36 -24.14 10.67
N ILE D 118 -9.41 -24.19 9.86
CA ILE D 118 -10.39 -23.12 9.81
C ILE D 118 -11.21 -23.16 11.11
N LEU D 119 -11.33 -24.36 11.67
CA LEU D 119 -12.07 -24.63 12.90
C LEU D 119 -11.47 -23.86 14.08
N GLY D 120 -10.15 -23.67 14.05
CA GLY D 120 -9.45 -22.97 15.11
C GLY D 120 -9.93 -21.57 15.40
N ILE D 121 -10.71 -20.99 14.49
CA ILE D 121 -11.23 -19.66 14.70
C ILE D 121 -12.42 -19.67 15.66
N PHE D 122 -13.15 -20.77 15.67
CA PHE D 122 -14.34 -20.87 16.50
C PHE D 122 -14.22 -21.63 17.80
N LEU D 123 -13.27 -22.56 17.86
CA LEU D 123 -13.03 -23.40 19.05
C LEU D 123 -12.88 -22.71 20.40
N PRO D 124 -12.20 -21.55 20.44
CA PRO D 124 -11.99 -20.80 21.69
C PRO D 124 -13.27 -20.31 22.35
N PHE D 125 -14.37 -20.28 21.59
CA PHE D 125 -15.63 -19.80 22.12
C PHE D 125 -16.67 -20.90 22.14
N PHE D 126 -16.24 -22.12 21.84
CA PHE D 126 -17.17 -23.24 21.79
C PHE D 126 -16.75 -24.39 22.70
N SER D 127 -15.47 -24.70 22.69
CA SER D 127 -14.95 -25.79 23.50
C SER D 127 -14.92 -25.50 25.01
N LYS D 128 -15.54 -26.38 25.80
CA LYS D 128 -15.55 -26.21 27.26
C LYS D 128 -14.15 -26.27 27.86
N PRO D 129 -13.29 -27.20 27.38
CA PRO D 129 -11.93 -27.27 27.94
C PRO D 129 -11.12 -26.01 27.67
N ILE D 130 -11.22 -25.46 26.47
CA ILE D 130 -10.49 -24.25 26.11
C ILE D 130 -10.89 -23.04 26.95
N PHE D 132 -12.56 -23.08 29.85
CA PHE D 132 -12.41 -23.29 31.29
C PHE D 132 -10.98 -22.99 31.67
N LYS D 133 -10.03 -23.39 30.82
CA LYS D 133 -8.64 -23.14 31.13
C LYS D 133 -8.28 -21.66 31.02
N SER D 135 -8.41 -17.53 31.26
CA SER D 135 -8.55 -16.68 32.43
C SER D 135 -9.49 -15.54 32.05
N ILE D 136 -9.83 -14.68 33.01
CA ILE D 136 -10.71 -13.56 32.73
C ILE D 136 -10.07 -12.64 31.70
N ARG D 137 -8.90 -12.12 32.02
CA ARG D 137 -8.17 -11.22 31.13
C ARG D 137 -8.05 -11.79 29.72
N GLU D 138 -7.59 -13.03 29.63
CA GLU D 138 -7.45 -13.73 28.36
C GLU D 138 -8.75 -13.62 27.57
N ASP D 140 -11.24 -11.52 27.97
CA ASP D 140 -11.59 -10.15 27.66
C ASP D 140 -10.90 -9.64 26.40
N SER D 141 -9.59 -9.83 26.30
CA SER D 141 -8.87 -9.37 25.12
C SER D 141 -9.17 -10.21 23.90
N GLN D 142 -9.49 -11.49 24.10
CA GLN D 142 -9.82 -12.37 22.97
C GLN D 142 -11.12 -11.85 22.37
N ILE D 143 -12.07 -11.54 23.24
CA ILE D 143 -13.32 -10.99 22.78
C ILE D 143 -13.10 -9.67 22.02
N GLU D 144 -12.28 -8.80 22.60
CA GLU D 144 -11.99 -7.51 22.00
C GLU D 144 -11.36 -7.69 20.63
N LEU D 145 -10.32 -8.51 20.58
CA LEU D 145 -9.60 -8.78 19.34
C LEU D 145 -10.56 -9.27 18.25
N TYR D 146 -11.31 -10.34 18.57
CA TYR D 146 -12.28 -10.88 17.63
C TYR D 146 -13.22 -9.81 17.14
N GLY D 147 -13.74 -9.02 18.09
CA GLY D 147 -14.66 -7.96 17.73
C GLY D 147 -14.09 -6.96 16.75
N THR D 148 -12.77 -6.75 16.80
CA THR D 148 -12.14 -5.79 15.89
C THR D 148 -11.68 -6.35 14.55
N LYS D 149 -11.10 -7.55 14.55
CA LYS D 149 -10.62 -8.13 13.31
C LYS D 149 -11.71 -8.68 12.39
N LEU D 150 -12.53 -9.59 12.90
CA LEU D 150 -13.60 -10.22 12.12
C LEU D 150 -14.50 -9.31 11.30
N PRO D 151 -15.12 -8.29 11.92
CA PRO D 151 -15.98 -7.44 11.10
C PRO D 151 -15.33 -6.88 9.84
N LEU D 152 -14.08 -6.44 9.99
CA LEU D 152 -13.34 -5.84 8.88
C LEU D 152 -12.10 -6.64 8.44
N LEU D 153 -12.37 -7.80 7.86
CA LEU D 153 -11.36 -8.72 7.33
C LEU D 153 -12.09 -9.51 6.24
N LYS D 154 -13.39 -9.67 6.44
CA LYS D 154 -14.24 -10.41 5.51
C LYS D 154 -13.61 -11.72 5.06
N LEU D 155 -13.62 -12.69 5.97
CA LEU D 155 -13.08 -14.03 5.70
C LEU D 155 -14.16 -14.84 4.98
N PHE D 156 -13.75 -15.96 4.41
CA PHE D 156 -14.66 -16.86 3.73
C PHE D 156 -15.56 -16.26 2.63
N VAL D 157 -15.29 -15.02 2.23
CA VAL D 157 -16.04 -14.37 1.16
C VAL D 157 -15.19 -14.58 -0.10
N THR D 159 -13.92 -14.95 -4.11
CA THR D 159 -13.93 -14.14 -5.32
C THR D 159 -13.98 -15.13 -6.48
N ASP D 160 -14.33 -14.65 -7.67
CA ASP D 160 -14.37 -15.56 -8.81
C ASP D 160 -13.01 -16.21 -8.97
N GLU D 161 -11.95 -15.43 -8.81
CA GLU D 161 -10.58 -15.93 -8.93
C GLU D 161 -10.38 -17.10 -7.96
N GLU D 162 -10.81 -16.92 -6.73
CA GLU D 162 -10.68 -17.96 -5.73
C GLU D 162 -11.56 -19.16 -6.08
N ASN D 164 -12.76 -20.05 -9.05
CA ASN D 164 -12.16 -20.72 -10.20
C ASN D 164 -11.07 -21.67 -9.73
N PHE D 165 -10.13 -21.13 -8.95
CA PHE D 165 -9.02 -21.93 -8.44
C PHE D 165 -9.51 -23.25 -7.85
N TYR D 166 -10.33 -23.15 -6.81
CA TYR D 166 -10.88 -24.34 -6.16
C TYR D 166 -11.60 -25.23 -7.16
N ALA D 167 -12.24 -24.61 -8.15
CA ALA D 167 -12.95 -25.39 -9.15
C ALA D 167 -11.96 -26.29 -9.90
N ASN D 168 -10.75 -25.79 -10.12
CA ASN D 168 -9.73 -26.53 -10.86
C ASN D 168 -8.90 -27.51 -10.05
N LEU D 169 -8.80 -27.29 -8.73
CA LEU D 169 -8.01 -28.18 -7.89
C LEU D 169 -8.15 -29.62 -8.33
N LYS D 170 -7.02 -30.31 -8.43
CA LYS D 170 -7.00 -31.71 -8.86
C LYS D 170 -6.26 -32.62 -7.89
N THR D 171 -5.11 -32.16 -7.40
CA THR D 171 -4.33 -32.98 -6.47
C THR D 171 -3.85 -32.24 -5.22
N ILE D 172 -3.53 -33.01 -4.18
CA ILE D 172 -3.02 -32.43 -2.94
C ILE D 172 -1.68 -31.79 -3.21
N GLU D 173 -1.05 -32.19 -4.31
CA GLU D 173 0.27 -31.67 -4.67
C GLU D 173 0.14 -30.18 -4.93
N GLN D 174 -0.73 -29.81 -5.89
CA GLN D 174 -0.93 -28.40 -6.21
C GLN D 174 -1.36 -27.65 -4.96
N TYR D 175 -2.37 -28.16 -4.27
CA TYR D 175 -2.86 -27.51 -3.06
C TYR D 175 -1.75 -27.23 -2.06
N ASN D 176 -0.97 -28.26 -1.76
CA ASN D 176 0.12 -28.13 -0.80
C ASN D 176 1.15 -27.09 -1.17
N ASP D 177 1.37 -26.86 -2.46
CA ASP D 177 2.31 -25.82 -2.88
C ASP D 177 1.57 -24.49 -2.86
N TYR D 178 0.30 -24.54 -3.22
CA TYR D 178 -0.53 -23.35 -3.25
C TYR D 178 -0.55 -22.70 -1.88
N VAL D 179 -0.64 -23.54 -0.84
CA VAL D 179 -0.66 -23.08 0.54
C VAL D 179 0.76 -22.92 1.08
N ARG D 180 1.66 -23.80 0.64
CA ARG D 180 3.06 -23.73 1.07
C ARG D 180 3.56 -22.34 0.68
N ASP D 181 3.05 -21.84 -0.45
CA ASP D 181 3.41 -20.52 -0.94
C ASP D 181 2.77 -19.47 -0.06
N LEU D 182 1.99 -19.93 0.92
CA LEU D 182 1.30 -19.06 1.85
C LEU D 182 0.72 -17.84 1.14
N UNK E 1 -10.95 16.05 -17.43
CA UNK E 1 -9.58 16.44 -16.97
C UNK E 1 -8.61 15.27 -17.08
N UNK E 2 -8.99 14.22 -16.39
CA UNK E 2 -8.19 12.96 -16.40
C UNK E 2 -8.03 12.44 -17.83
N UNK E 3 -9.06 12.64 -18.63
CA UNK E 3 -9.05 12.18 -20.05
C UNK E 3 -8.15 13.07 -20.91
N UNK E 4 -8.36 14.35 -20.81
CA UNK E 4 -7.58 15.31 -21.64
C UNK E 4 -6.14 15.41 -21.15
N UNK E 5 -5.91 14.79 -20.02
CA UNK E 5 -4.51 14.74 -19.52
C UNK E 5 -3.74 13.60 -20.15
N UNK E 7 -4.90 12.73 -24.10
CA UNK E 7 -5.18 12.75 -25.57
C UNK E 7 -3.88 12.68 -26.37
N UNK F 1 -11.46 10.22 23.08
CA UNK F 1 -12.21 9.06 22.52
C UNK F 1 -11.26 7.90 22.20
N UNK F 2 -10.35 8.25 21.30
CA UNK F 2 -9.32 7.28 20.83
C UNK F 2 -8.52 6.72 22.02
N UNK F 3 -8.31 7.56 23.01
CA UNK F 3 -7.54 7.19 24.23
C UNK F 3 -8.37 6.29 25.14
N UNK F 4 -9.57 6.72 25.42
CA UNK F 4 -10.48 5.98 26.33
C UNK F 4 -10.98 4.69 25.67
N UNK F 5 -10.70 4.60 24.41
CA UNK F 5 -11.07 3.35 23.69
C UNK F 5 -10.00 2.27 23.87
N UNK F 7 -8.01 2.45 27.61
CA UNK F 7 -7.62 2.40 29.05
C UNK F 7 -7.61 0.97 29.57
N UNK G 1 17.52 1.94 -5.73
CA UNK G 1 16.19 1.51 -6.23
C UNK G 1 15.58 2.56 -7.14
N UNK G 2 15.44 3.72 -6.52
CA UNK G 2 14.87 4.89 -7.23
C UNK G 2 15.69 5.22 -8.48
N UNK G 3 16.98 5.01 -8.38
CA UNK G 3 17.93 5.29 -9.49
C UNK G 3 17.82 4.24 -10.58
N UNK G 4 17.87 3.00 -10.17
CA UNK G 4 17.82 1.84 -11.10
C UNK G 4 16.42 1.69 -11.71
N UNK G 5 15.52 2.40 -11.14
CA UNK G 5 14.14 2.38 -11.71
C UNK G 5 14.03 3.38 -12.86
N UNK G 7 17.55 3.84 -15.12
CA UNK G 7 18.75 3.67 -16.00
C UNK G 7 18.34 3.56 -17.47
N UNK H 1 -4.61 -15.74 3.17
CA UNK H 1 -3.99 -14.59 3.88
C UNK H 1 -4.80 -14.19 5.10
N UNK H 2 -6.04 -13.83 4.79
CA UNK H 2 -7.00 -13.42 5.84
C UNK H 2 -7.17 -14.50 6.89
N UNK H 3 -7.11 -15.75 6.46
CA UNK H 3 -7.27 -16.93 7.36
C UNK H 3 -6.02 -17.13 8.21
N UNK H 4 -4.87 -17.16 7.56
CA UNK H 4 -3.57 -17.38 8.26
C UNK H 4 -3.21 -16.17 9.12
N UNK H 5 -3.93 -15.13 8.91
CA UNK H 5 -3.70 -13.92 9.75
C UNK H 5 -4.45 -14.02 11.07
N UNK H 7 -4.78 -17.97 12.54
CA UNK H 7 -4.56 -19.34 13.09
C UNK H 7 -4.15 -19.28 14.57
#